data_1PEG
#
_entry.id   1PEG
#
_cell.length_a   68.260
_cell.length_b   94.170
_cell.length_c   114.690
_cell.angle_alpha   90.00
_cell.angle_beta   90.00
_cell.angle_gamma   90.00
#
_symmetry.space_group_name_H-M   'P 21 21 21'
#
loop_
_entity.id
_entity.type
_entity.pdbx_description
1 polymer 'histone H3 methyltransferase DIM-5'
2 polymer 'Histone H3'
3 non-polymer 'ZINC ION'
4 non-polymer S-ADENOSYL-L-HOMOCYSTEINE
#
loop_
_entity_poly.entity_id
_entity_poly.type
_entity_poly.pdbx_seq_one_letter_code
_entity_poly.pdbx_strand_id
1 'polypeptide(L)'
;IRSFATHAQLPISIVNREDDAFLNPNFRFIDHSIIGKNVPVADQSFRVGCSCASDEECMYSTCQCLDEMAPDSDEEADPY
TRKKRFAYYSQGAKKGLLRDRVLQSQEPIYECHQGCACSKDCPNRVVERGRTVPLQIFRTKDRGWGVKCPVNIKRGQFVD
RYLGEIITSEEADRRRAESTIARRKDVYLFALDKFSDPDSLDPLLAGQPLEVDGEYMSGPTRFINHSCDPNMAIFARVGD
HADKHIHDLALFAIKDIPKGTELTFDYVNGLTGLESDAHDPSKISEMTKCLCGTAKCRGYLW
;
A,B
2 'polypeptide(L)' ARTKQTARKSTGGKA P,Q
#
loop_
_chem_comp.id
_chem_comp.type
_chem_comp.name
_chem_comp.formula
ZN non-polymer 'ZINC ION' 'Zn 2'
#
# COMPACT_ATOMS: atom_id res chain seq x y z
N LEU A 10 10.48 -11.54 7.45
CA LEU A 10 9.49 -10.43 7.64
C LEU A 10 8.45 -10.37 6.50
N PRO A 11 7.96 -11.52 6.05
CA PRO A 11 6.96 -11.67 5.00
C PRO A 11 5.57 -11.93 5.57
N ILE A 12 4.55 -11.47 4.86
CA ILE A 12 3.19 -11.70 5.29
C ILE A 12 2.73 -12.90 4.48
N SER A 13 2.03 -13.82 5.11
CA SER A 13 1.52 -14.99 4.41
C SER A 13 0.10 -15.19 4.87
N ILE A 14 -0.78 -15.55 3.94
CA ILE A 14 -2.16 -15.76 4.30
C ILE A 14 -2.46 -17.25 4.19
N VAL A 15 -3.24 -17.77 5.13
CA VAL A 15 -3.61 -19.16 5.10
C VAL A 15 -5.03 -19.27 5.58
N ASN A 16 -5.81 -20.08 4.89
CA ASN A 16 -7.20 -20.26 5.22
C ASN A 16 -7.55 -21.73 5.08
N ARG A 17 -7.63 -22.39 6.19
CA ARG A 17 -7.98 -23.77 6.15
C ARG A 17 -9.46 -23.97 6.29
N GLU A 18 -10.11 -24.56 5.29
CA GLU A 18 -11.53 -24.95 5.38
C GLU A 18 -12.57 -23.90 5.06
N ASP A 19 -12.17 -22.68 4.77
CA ASP A 19 -13.16 -21.67 4.35
C ASP A 19 -12.93 -21.35 2.88
N ASP A 20 -13.91 -20.70 2.30
CA ASP A 20 -13.82 -20.39 0.88
C ASP A 20 -13.48 -18.91 0.74
N ALA A 21 -13.24 -18.26 1.87
CA ALA A 21 -12.93 -16.84 1.91
C ALA A 21 -11.49 -16.52 1.54
N PHE A 22 -11.29 -15.31 1.05
CA PHE A 22 -9.99 -14.82 0.64
C PHE A 22 -9.97 -13.34 0.96
N LEU A 23 -8.80 -12.73 0.90
CA LEU A 23 -8.71 -11.31 1.19
C LEU A 23 -9.44 -10.56 0.08
N ASN A 24 -10.20 -9.55 0.45
CA ASN A 24 -10.92 -8.77 -0.55
C ASN A 24 -9.87 -8.19 -1.49
N PRO A 25 -10.07 -8.36 -2.80
CA PRO A 25 -9.10 -7.83 -3.75
C PRO A 25 -8.94 -6.35 -3.63
N ASN A 26 -9.87 -5.71 -2.96
CA ASN A 26 -9.75 -4.28 -2.79
C ASN A 26 -8.92 -3.88 -1.57
N PHE A 27 -8.71 -4.79 -0.64
CA PHE A 27 -7.91 -4.44 0.51
C PHE A 27 -6.48 -4.24 -0.01
N ARG A 28 -5.75 -3.30 0.59
CA ARG A 28 -4.37 -3.01 0.19
C ARG A 28 -3.41 -2.92 1.37
N PHE A 29 -2.23 -3.52 1.24
CA PHE A 29 -1.21 -3.50 2.31
C PHE A 29 -0.28 -2.27 2.13
N ILE A 30 -0.09 -1.53 3.22
CA ILE A 30 0.74 -0.32 3.20
C ILE A 30 1.82 -0.35 4.30
N ASP A 31 2.98 0.21 4.02
CA ASP A 31 4.05 0.21 5.01
C ASP A 31 3.97 1.37 6.00
N HIS A 32 3.37 2.49 5.60
CA HIS A 32 3.24 3.65 6.49
C HIS A 32 1.84 4.22 6.41
N SER A 33 1.33 4.74 7.50
CA SER A 33 -0.02 5.30 7.49
C SER A 33 -0.12 6.48 6.53
N ILE A 34 -1.34 6.82 6.15
CA ILE A 34 -1.61 7.90 5.21
C ILE A 34 -2.60 8.92 5.79
N ILE A 35 -2.21 10.18 5.78
CA ILE A 35 -3.04 11.25 6.32
C ILE A 35 -4.13 11.64 5.36
N GLY A 36 -5.32 11.88 5.87
CA GLY A 36 -6.40 12.38 5.05
C GLY A 36 -6.10 13.88 4.92
N LYS A 37 -6.81 14.58 4.06
CA LYS A 37 -6.50 16.00 3.82
C LYS A 37 -6.93 17.01 4.89
N ASN A 38 -7.92 16.73 5.75
CA ASN A 38 -8.31 17.75 6.72
C ASN A 38 -7.54 17.60 8.03
N VAL A 39 -6.37 16.98 8.01
CA VAL A 39 -5.59 16.82 9.22
C VAL A 39 -4.24 17.59 9.22
N PRO A 40 -3.92 17.92 10.48
CA PRO A 40 -2.72 18.75 10.93
C PRO A 40 -1.27 18.31 10.57
N VAL A 41 -0.41 19.27 10.15
CA VAL A 41 1.03 18.97 9.90
C VAL A 41 1.85 20.21 10.34
N ALA A 42 2.09 20.34 11.65
CA ALA A 42 2.84 21.48 12.18
C ALA A 42 4.09 21.81 11.34
N ASP A 43 4.40 23.10 11.28
CA ASP A 43 5.54 23.60 10.49
C ASP A 43 6.88 22.98 10.81
N GLN A 44 7.68 22.75 9.76
CA GLN A 44 9.02 22.18 9.91
C GLN A 44 9.85 23.22 10.64
N SER A 45 9.18 24.30 11.02
CA SER A 45 9.80 25.41 11.71
C SER A 45 9.92 25.22 13.22
N PHE A 46 9.17 24.28 13.78
CA PHE A 46 9.25 24.07 15.22
C PHE A 46 9.69 22.66 15.55
N ARG A 47 10.18 21.97 14.54
CA ARG A 47 10.63 20.60 14.70
C ARG A 47 11.96 20.51 15.45
N VAL A 48 12.02 19.60 16.43
CA VAL A 48 13.21 19.38 17.25
C VAL A 48 13.49 17.90 17.46
N GLY A 49 14.68 17.47 17.14
CA GLY A 49 15.15 16.14 17.39
C GLY A 49 16.21 16.32 18.44
N CYS A 50 17.07 15.32 18.62
CA CYS A 50 18.16 15.42 19.59
C CYS A 50 19.55 15.50 18.94
N SER A 51 20.36 16.40 19.48
CA SER A 51 21.72 16.70 19.02
C SER A 51 22.71 15.67 19.48
N CYS A 52 22.24 14.78 20.33
CA CYS A 52 23.05 13.71 20.86
C CYS A 52 24.11 13.38 19.84
N ALA A 53 25.27 12.99 20.33
CA ALA A 53 26.34 12.65 19.45
C ALA A 53 26.72 11.21 19.71
CA SER A 54 28.16 9.57 18.68
CA ASP A 55 26.65 6.27 17.99
CA GLU A 56 23.96 7.49 20.30
N GLU A 57 23.37 7.95 22.49
CA GLU A 57 23.33 7.81 23.92
C GLU A 57 22.06 8.47 24.28
N CYS A 58 21.02 7.90 23.65
CA CYS A 58 19.67 8.41 23.77
C CYS A 58 18.91 7.56 24.76
N MET A 59 19.62 7.00 25.75
CA MET A 59 18.98 6.17 26.77
C MET A 59 19.04 6.85 28.13
N TYR A 60 19.61 8.05 28.18
CA TYR A 60 19.75 8.80 29.42
C TYR A 60 18.95 10.08 29.35
N SER A 61 18.66 10.68 30.50
CA SER A 61 17.87 11.91 30.55
C SER A 61 18.46 13.14 29.87
N THR A 62 19.72 13.07 29.47
CA THR A 62 20.38 14.20 28.80
C THR A 62 19.71 14.55 27.46
N CYS A 63 19.15 13.53 26.80
CA CYS A 63 18.47 13.64 25.50
C CYS A 63 17.12 14.37 25.66
N GLN A 64 16.90 15.40 24.84
CA GLN A 64 15.67 16.19 24.90
C GLN A 64 14.41 15.46 24.42
N CYS A 65 14.59 14.25 23.91
CA CYS A 65 13.48 13.43 23.42
C CYS A 65 12.64 12.88 24.58
N LEU A 66 13.25 12.76 25.75
CA LEU A 66 12.57 12.21 26.91
C LEU A 66 12.24 13.24 28.01
N ASP A 67 12.07 14.48 27.62
CA ASP A 67 11.77 15.51 28.60
C ASP A 67 10.46 15.16 29.28
N GLU A 68 9.39 15.12 28.51
CA GLU A 68 8.09 14.83 29.07
C GLU A 68 8.08 13.51 29.80
N MET A 69 9.03 12.65 29.50
CA MET A 69 9.11 11.38 30.20
C MET A 69 9.58 11.61 31.65
N ALA A 70 8.65 11.64 32.60
CA ALA A 70 9.00 11.86 34.00
C ALA A 70 10.03 10.81 34.44
N PRO A 71 10.68 11.01 35.61
CA PRO A 71 11.68 10.03 36.06
C PRO A 71 11.04 8.79 36.70
CA ASP A 78 27.70 13.43 42.44
CA PRO A 79 24.20 14.76 42.06
CA TYR A 80 22.56 13.99 38.72
CA THR A 81 21.68 10.26 38.58
N ARG A 82 22.61 10.05 36.38
CA ARG A 82 22.67 9.83 34.97
C ARG A 82 22.34 8.37 34.83
N LYS A 83 21.05 8.10 34.86
CA LYS A 83 20.61 6.72 34.72
C LYS A 83 19.91 6.60 33.37
N LYS A 84 19.57 5.37 33.03
CA LYS A 84 18.87 5.07 31.78
C LYS A 84 17.38 5.37 31.98
N ARG A 85 16.70 5.76 30.91
CA ARG A 85 15.28 6.08 31.00
C ARG A 85 14.43 5.89 29.74
N PHE A 86 15.04 5.51 28.60
CA PHE A 86 14.29 5.49 27.34
C PHE A 86 13.18 4.47 27.09
N ALA A 87 12.74 3.74 28.10
CA ALA A 87 11.63 2.80 27.94
C ALA A 87 11.94 1.52 27.17
N TYR A 88 13.20 1.15 27.06
CA TYR A 88 13.56 -0.16 26.47
C TYR A 88 14.78 -0.65 27.21
N TYR A 89 15.03 -1.95 27.23
CA TYR A 89 16.17 -2.48 27.99
C TYR A 89 17.44 -2.37 27.15
N SER A 90 18.52 -1.99 27.84
CA SER A 90 19.82 -1.78 27.20
C SER A 90 20.82 -2.93 27.07
N GLN A 91 20.69 -4.08 27.76
CA GLN A 91 21.71 -5.10 27.57
C GLN A 91 21.43 -6.55 28.00
N GLY A 92 20.29 -6.87 28.61
CA GLY A 92 20.10 -8.26 28.96
C GLY A 92 19.60 -9.06 27.79
N ALA A 93 19.17 -10.30 28.02
CA ALA A 93 18.63 -11.10 26.93
C ALA A 93 17.36 -10.39 26.51
N LYS A 94 16.99 -9.36 27.28
CA LYS A 94 15.81 -8.57 26.99
C LYS A 94 16.19 -7.23 26.39
N LYS A 95 17.40 -7.11 25.86
CA LYS A 95 17.79 -5.84 25.25
C LYS A 95 16.83 -5.51 24.14
N GLY A 96 16.46 -4.23 24.03
CA GLY A 96 15.54 -3.78 23.01
C GLY A 96 14.10 -4.20 23.20
N LEU A 97 13.78 -4.71 24.38
CA LEU A 97 12.43 -5.13 24.64
C LEU A 97 11.85 -4.09 25.57
N LEU A 98 10.53 -3.88 25.52
CA LEU A 98 9.93 -2.86 26.38
C LEU A 98 10.26 -3.04 27.84
N ARG A 99 10.68 -1.97 28.49
CA ARG A 99 11.03 -2.04 29.90
C ARG A 99 9.77 -2.51 30.57
N ASP A 100 9.92 -3.24 31.66
CA ASP A 100 8.76 -3.70 32.39
C ASP A 100 8.10 -2.49 33.06
N ARG A 101 8.89 -1.48 33.37
CA ARG A 101 8.35 -0.29 34.01
C ARG A 101 7.29 0.37 33.10
N VAL A 102 7.51 0.33 31.79
CA VAL A 102 6.61 0.94 30.80
C VAL A 102 5.42 0.04 30.44
N LEU A 103 5.62 -1.28 30.45
CA LEU A 103 4.54 -2.22 30.16
C LEU A 103 3.47 -1.95 31.20
N GLN A 104 3.76 -2.28 32.41
CA GLN A 104 2.84 -2.15 33.54
C GLN A 104 2.22 -0.77 33.76
N SER A 105 2.93 0.28 33.37
CA SER A 105 2.62 1.72 33.59
C SER A 105 2.04 2.50 32.42
N GLN A 106 2.04 1.92 31.27
CA GLN A 106 1.39 2.47 30.07
C GLN A 106 1.56 3.95 29.76
N GLU A 107 2.78 4.46 29.97
CA GLU A 107 3.09 5.84 29.67
C GLU A 107 3.57 5.88 28.22
N PRO A 108 3.21 6.94 27.48
CA PRO A 108 3.64 7.05 26.08
C PRO A 108 5.13 6.80 25.91
N ILE A 109 5.49 6.15 24.81
CA ILE A 109 6.88 5.87 24.54
C ILE A 109 7.45 7.02 23.74
N TYR A 110 8.43 7.71 24.30
CA TYR A 110 9.06 8.81 23.58
C TYR A 110 10.24 8.27 22.82
N GLU A 111 10.09 8.20 21.51
CA GLU A 111 11.13 7.65 20.65
C GLU A 111 11.80 8.73 19.82
N CYS A 112 12.96 8.39 19.27
CA CYS A 112 13.71 9.32 18.43
C CYS A 112 13.11 9.28 17.01
N HIS A 113 13.66 10.07 16.09
CA HIS A 113 13.16 10.14 14.72
C HIS A 113 14.18 10.73 13.73
N GLN A 114 13.68 11.32 12.64
CA GLN A 114 14.56 11.89 11.62
C GLN A 114 14.85 13.32 11.94
N GLY A 115 14.93 13.60 13.23
CA GLY A 115 15.22 14.95 13.69
C GLY A 115 16.32 14.91 14.72
N CYS A 116 16.95 13.75 14.90
CA CYS A 116 18.01 13.65 15.88
C CYS A 116 19.36 13.26 15.30
N ALA A 117 20.43 13.67 16.00
CA ALA A 117 21.79 13.36 15.57
C ALA A 117 22.19 11.95 15.99
N CYS A 118 21.28 11.01 15.78
CA CYS A 118 21.50 9.61 16.11
C CYS A 118 20.98 8.78 14.92
N SER A 119 21.44 7.54 14.78
CA SER A 119 21.07 6.69 13.64
C SER A 119 20.31 5.39 13.86
N LYS A 120 19.99 4.76 12.74
CA LYS A 120 19.27 3.49 12.67
C LYS A 120 19.18 2.70 13.98
N ASP A 121 20.31 2.38 14.63
CA ASP A 121 20.17 1.59 15.86
C ASP A 121 19.88 2.39 17.11
N CYS A 122 19.75 3.70 17.02
CA CYS A 122 19.47 4.43 18.24
C CYS A 122 18.50 3.60 19.08
N PRO A 123 18.98 3.10 20.20
CA PRO A 123 18.24 2.27 21.16
C PRO A 123 16.81 2.71 21.47
N ASN A 124 16.51 3.98 21.20
CA ASN A 124 15.19 4.52 21.47
C ASN A 124 14.44 4.81 20.20
N ARG A 125 14.61 3.93 19.21
CA ARG A 125 13.94 4.07 17.93
C ARG A 125 13.38 2.71 17.46
N VAL A 126 12.98 1.87 18.42
CA VAL A 126 12.45 0.55 18.15
C VAL A 126 11.24 0.60 17.26
N VAL A 127 10.14 1.17 17.75
CA VAL A 127 8.94 1.25 16.94
C VAL A 127 9.29 1.85 15.60
N GLU A 128 10.18 2.83 15.60
CA GLU A 128 10.57 3.46 14.36
C GLU A 128 10.95 2.42 13.30
N ARG A 129 11.89 1.55 13.63
CA ARG A 129 12.36 0.54 12.68
C ARG A 129 11.29 -0.37 12.06
N GLY A 130 10.09 -0.34 12.62
CA GLY A 130 9.00 -1.16 12.11
C GLY A 130 9.00 -2.60 12.62
N ARG A 131 8.17 -3.46 12.05
CA ARG A 131 8.12 -4.86 12.48
C ARG A 131 9.40 -5.67 12.14
N THR A 132 9.86 -6.51 13.08
CA THR A 132 11.06 -7.33 12.86
C THR A 132 10.76 -8.84 12.91
N VAL A 133 9.49 -9.19 13.13
CA VAL A 133 9.08 -10.59 13.20
C VAL A 133 8.13 -10.91 12.06
N PRO A 134 8.29 -12.08 11.44
CA PRO A 134 7.39 -12.42 10.33
C PRO A 134 6.04 -12.84 10.90
N LEU A 135 4.97 -12.36 10.27
CA LEU A 135 3.61 -12.68 10.67
C LEU A 135 2.90 -13.50 9.58
N GLN A 136 1.85 -14.22 10.00
CA GLN A 136 1.08 -15.07 9.11
C GLN A 136 -0.39 -14.99 9.45
N ILE A 137 -1.16 -14.49 8.50
CA ILE A 137 -2.57 -14.38 8.75
C ILE A 137 -3.11 -15.75 8.49
N PHE A 138 -3.97 -16.23 9.38
CA PHE A 138 -4.54 -17.53 9.18
C PHE A 138 -6.01 -17.41 9.51
N ARG A 139 -6.82 -18.28 8.89
CA ARG A 139 -8.25 -18.26 9.09
C ARG A 139 -8.75 -19.14 10.23
N THR A 140 -9.05 -18.45 11.32
CA THR A 140 -9.62 -19.11 12.47
C THR A 140 -11.02 -19.51 12.01
N LYS A 141 -11.87 -20.03 12.95
CA LYS A 141 -13.13 -20.57 12.44
C LYS A 141 -14.31 -19.70 12.86
N ASP A 142 -14.29 -19.19 14.07
CA ASP A 142 -15.36 -18.38 14.63
C ASP A 142 -15.21 -16.91 14.40
N ARG A 143 -14.04 -16.37 14.69
CA ARG A 143 -13.82 -14.95 14.61
C ARG A 143 -13.23 -14.52 13.29
N GLY A 144 -13.31 -15.36 12.26
CA GLY A 144 -12.81 -14.97 10.95
C GLY A 144 -11.30 -15.04 10.87
N TRP A 145 -10.71 -14.02 10.26
CA TRP A 145 -9.27 -13.97 10.12
C TRP A 145 -8.69 -13.60 11.48
N GLY A 146 -7.46 -14.03 11.72
CA GLY A 146 -6.81 -13.72 12.98
C GLY A 146 -5.35 -13.77 12.64
N VAL A 147 -4.49 -13.41 13.60
CA VAL A 147 -3.06 -13.42 13.33
C VAL A 147 -2.27 -14.28 14.30
N LYS A 148 -1.25 -14.93 13.78
CA LYS A 148 -0.37 -15.75 14.60
C LYS A 148 1.03 -15.56 14.03
N CYS A 149 2.05 -15.73 14.87
CA CYS A 149 3.44 -15.54 14.48
C CYS A 149 4.24 -16.85 14.43
N PRO A 150 4.94 -17.10 13.32
CA PRO A 150 5.76 -18.30 13.06
C PRO A 150 7.07 -18.38 13.85
N VAL A 151 7.16 -17.59 14.91
CA VAL A 151 8.37 -17.57 15.72
C VAL A 151 8.01 -16.98 17.09
N ASN A 152 8.67 -17.48 18.14
CA ASN A 152 8.40 -17.01 19.52
C ASN A 152 8.53 -15.49 19.71
N ILE A 153 7.78 -14.94 20.66
CA ILE A 153 7.78 -13.51 20.95
C ILE A 153 7.82 -13.27 22.46
N LYS A 154 8.98 -12.93 22.99
CA LYS A 154 9.10 -12.70 24.42
C LYS A 154 8.28 -11.48 24.83
N ARG A 155 7.76 -11.51 26.04
CA ARG A 155 6.97 -10.39 26.52
C ARG A 155 7.77 -9.07 26.47
N GLY A 156 7.11 -7.99 26.05
CA GLY A 156 7.77 -6.69 25.98
C GLY A 156 8.20 -6.40 24.56
N GLN A 157 8.17 -7.45 23.75
CA GLN A 157 8.53 -7.37 22.35
C GLN A 157 7.56 -6.51 21.53
N PHE A 158 8.07 -5.92 20.45
CA PHE A 158 7.28 -5.08 19.57
C PHE A 158 6.87 -5.94 18.38
N VAL A 159 5.57 -6.12 18.17
CA VAL A 159 5.12 -6.95 17.05
C VAL A 159 5.09 -6.13 15.80
N ASP A 160 4.11 -5.23 15.74
CA ASP A 160 3.95 -4.32 14.60
C ASP A 160 3.11 -3.16 15.10
N ARG A 161 2.81 -2.20 14.23
CA ARG A 161 2.00 -1.08 14.66
C ARG A 161 0.72 -0.97 13.84
N TYR A 162 -0.31 -0.39 14.44
CA TYR A 162 -1.58 -0.27 13.74
C TYR A 162 -1.61 0.88 12.74
N LEU A 163 -1.76 0.55 11.47
CA LEU A 163 -1.80 1.54 10.42
C LEU A 163 -3.17 1.74 9.82
N GLY A 164 -3.20 2.50 8.74
CA GLY A 164 -4.45 2.79 8.06
C GLY A 164 -4.42 4.19 7.49
N GLU A 165 -5.58 4.82 7.40
CA GLU A 165 -5.72 6.19 6.88
C GLU A 165 -6.16 7.10 8.04
N ILE A 166 -5.29 8.03 8.43
CA ILE A 166 -5.57 8.95 9.55
C ILE A 166 -6.66 9.92 9.18
N ILE A 167 -7.66 10.06 10.05
CA ILE A 167 -8.77 10.96 9.78
C ILE A 167 -9.25 11.69 11.02
N THR A 168 -10.27 12.54 10.85
CA THR A 168 -10.86 13.36 11.92
C THR A 168 -12.21 12.88 12.45
N SER A 169 -12.47 13.19 13.73
CA SER A 169 -13.69 12.78 14.41
C SER A 169 -15.00 12.99 13.67
N GLU A 170 -15.07 14.02 12.83
CA GLU A 170 -16.29 14.28 12.09
C GLU A 170 -16.43 13.31 10.93
N GLU A 171 -15.40 13.23 10.07
CA GLU A 171 -15.44 12.32 8.90
C GLU A 171 -15.62 10.87 9.31
N ALA A 172 -15.19 10.57 10.53
CA ALA A 172 -15.32 9.24 11.11
C ALA A 172 -16.80 9.08 11.43
N ASP A 173 -17.33 10.05 12.16
CA ASP A 173 -18.74 10.03 12.51
C ASP A 173 -19.46 9.73 11.20
N ARG A 174 -18.94 10.29 10.11
CA ARG A 174 -19.52 10.09 8.79
C ARG A 174 -19.59 8.62 8.43
N ARG A 175 -18.45 7.94 8.51
CA ARG A 175 -18.36 6.52 8.18
C ARG A 175 -18.99 5.61 9.23
N ARG A 176 -18.72 5.90 10.50
CA ARG A 176 -19.26 5.09 11.59
C ARG A 176 -20.73 4.76 11.36
N ALA A 177 -21.56 5.79 11.16
CA ALA A 177 -22.99 5.61 10.96
C ALA A 177 -23.37 5.17 9.53
N GLU A 178 -22.79 5.83 8.53
CA GLU A 178 -23.06 5.48 7.13
C GLU A 178 -22.89 3.98 6.99
N SER A 179 -21.95 3.45 7.77
CA SER A 179 -21.64 2.03 7.78
C SER A 179 -22.49 1.30 8.82
N THR A 180 -22.23 1.60 10.09
CA THR A 180 -22.93 0.98 11.22
C THR A 180 -24.44 0.88 11.03
N ILE A 181 -24.97 1.65 10.09
CA ILE A 181 -26.39 1.61 9.84
C ILE A 181 -26.85 0.60 8.81
N ALA A 182 -26.55 0.88 7.55
CA ALA A 182 -26.99 0.03 6.46
C ALA A 182 -26.17 -1.20 6.06
N ARG A 183 -25.03 -1.48 6.74
CA ARG A 183 -24.32 -2.65 6.23
C ARG A 183 -23.41 -3.46 7.17
N ARG A 184 -22.12 -3.51 6.78
CA ARG A 184 -21.08 -4.20 7.52
C ARG A 184 -20.80 -3.54 8.85
N LYS A 185 -20.67 -4.33 9.90
CA LYS A 185 -20.40 -3.81 11.23
C LYS A 185 -18.90 -3.80 11.52
N ASP A 186 -18.17 -4.78 10.98
CA ASP A 186 -16.73 -4.88 11.16
C ASP A 186 -16.12 -3.51 11.36
N VAL A 187 -15.80 -3.17 12.61
CA VAL A 187 -15.20 -1.87 12.89
C VAL A 187 -13.69 -1.95 12.80
N TYR A 188 -13.09 -0.94 12.18
CA TYR A 188 -11.66 -0.93 12.04
C TYR A 188 -11.07 0.41 12.38
N LEU A 189 -11.77 1.20 13.18
CA LEU A 189 -11.25 2.50 13.52
C LEU A 189 -10.58 2.58 14.88
N PHE A 190 -9.33 3.00 14.86
CA PHE A 190 -8.55 3.16 16.08
C PHE A 190 -8.45 4.64 16.35
N ALA A 191 -8.66 5.02 17.60
CA ALA A 191 -8.63 6.42 17.98
C ALA A 191 -7.29 6.83 18.58
N LEU A 192 -6.66 7.84 18.01
CA LEU A 192 -5.39 8.34 18.54
C LEU A 192 -5.71 9.28 19.71
N ASP A 193 -6.02 8.71 20.87
CA ASP A 193 -6.40 9.50 22.03
C ASP A 193 -5.56 9.39 23.30
N LYS A 194 -4.27 9.09 23.19
CA LYS A 194 -3.48 8.96 24.41
C LYS A 194 -3.41 10.28 25.12
N PHE A 195 -3.59 11.35 24.35
CA PHE A 195 -3.56 12.68 24.92
C PHE A 195 -4.89 13.39 24.72
N SER A 196 -5.77 13.46 25.73
CA SER A 196 -7.05 14.13 25.42
C SER A 196 -7.76 14.97 26.51
CA ASP A 197 -9.18 17.02 26.81
CA PRO A 198 -6.51 19.60 28.09
CA ASP A 199 -5.75 22.68 25.88
CA SER A 200 -9.53 23.28 25.64
CA LEU A 201 -9.54 26.40 23.38
CA ASP A 202 -8.57 27.68 19.88
CA PRO A 203 -4.83 27.97 19.14
CA LEU A 204 -3.56 28.79 15.57
CA LEU A 205 -6.91 28.56 13.60
CA ALA A 206 -9.23 25.74 14.88
CA GLY A 207 -11.19 25.72 18.27
N PRO A 209 -10.12 15.02 18.14
CA PRO A 209 -9.92 13.66 18.67
C PRO A 209 -9.82 12.62 17.55
N LEU A 210 -9.24 13.02 16.42
CA LEU A 210 -9.13 12.19 15.23
C LEU A 210 -8.69 10.73 15.39
N GLU A 211 -8.98 9.91 14.38
CA GLU A 211 -8.66 8.48 14.40
C GLU A 211 -7.95 7.94 13.17
N VAL A 212 -7.63 6.66 13.25
CA VAL A 212 -6.97 5.90 12.18
C VAL A 212 -7.95 4.81 11.78
N ASP A 213 -8.21 4.70 10.48
CA ASP A 213 -9.14 3.69 9.96
C ASP A 213 -8.42 2.87 8.90
N GLY A 214 -8.38 1.56 9.11
CA GLY A 214 -7.71 0.69 8.16
C GLY A 214 -8.58 -0.40 7.55
N GLU A 215 -9.80 -0.06 7.15
CA GLU A 215 -10.66 -1.06 6.55
C GLU A 215 -10.19 -1.37 5.14
N TYR A 216 -9.87 -0.34 4.36
CA TYR A 216 -9.42 -0.55 2.99
C TYR A 216 -7.94 -0.42 2.76
N MET A 217 -7.17 -0.22 3.82
CA MET A 217 -5.71 -0.08 3.71
C MET A 217 -5.16 -0.24 5.11
N SER A 218 -4.14 -1.06 5.28
CA SER A 218 -3.56 -1.24 6.62
C SER A 218 -2.46 -2.29 6.62
N GLY A 219 -2.11 -2.72 7.82
CA GLY A 219 -1.08 -3.71 7.98
C GLY A 219 -1.65 -4.98 8.57
N PRO A 220 -0.81 -5.98 8.79
CA PRO A 220 -1.28 -7.25 9.34
C PRO A 220 -2.07 -7.04 10.62
N THR A 221 -1.59 -6.17 11.47
CA THR A 221 -2.26 -5.93 12.74
C THR A 221 -3.73 -5.57 12.54
N ARG A 222 -4.11 -5.34 11.29
CA ARG A 222 -5.49 -4.98 11.02
C ARG A 222 -6.39 -6.16 11.25
N PHE A 223 -5.78 -7.34 11.28
CA PHE A 223 -6.51 -8.58 11.47
C PHE A 223 -6.40 -9.22 12.87
N ILE A 224 -5.77 -8.55 13.84
CA ILE A 224 -5.66 -9.15 15.18
C ILE A 224 -7.03 -9.10 15.87
N ASN A 225 -7.44 -10.22 16.47
CA ASN A 225 -8.73 -10.28 17.12
C ASN A 225 -8.72 -9.83 18.58
N HIS A 226 -9.85 -9.29 19.03
CA HIS A 226 -9.98 -8.83 20.40
C HIS A 226 -10.07 -10.00 21.38
N SER A 227 -9.60 -9.76 22.59
CA SER A 227 -9.59 -10.75 23.64
C SER A 227 -9.84 -10.01 24.93
N CYS A 228 -10.16 -10.74 25.99
CA CYS A 228 -10.43 -10.10 27.27
C CYS A 228 -9.30 -10.43 28.24
N ASP A 229 -8.39 -11.29 27.78
CA ASP A 229 -7.20 -11.68 28.54
C ASP A 229 -6.10 -11.68 27.49
N PRO A 230 -5.94 -10.53 26.78
CA PRO A 230 -4.95 -10.34 25.73
C PRO A 230 -3.55 -10.75 26.09
N ASN A 231 -2.74 -10.92 25.07
CA ASN A 231 -1.35 -11.30 25.20
C ASN A 231 -0.58 -10.20 24.52
N MET A 232 -1.29 -9.11 24.25
CA MET A 232 -0.70 -7.96 23.60
C MET A 232 -1.44 -6.71 24.05
N ALA A 233 -0.76 -5.57 23.96
CA ALA A 233 -1.34 -4.30 24.31
C ALA A 233 -0.78 -3.23 23.39
N ILE A 234 -1.51 -2.12 23.24
CA ILE A 234 -1.09 -1.03 22.36
C ILE A 234 -0.60 0.19 23.15
N PHE A 235 0.47 0.80 22.66
CA PHE A 235 1.04 1.98 23.31
C PHE A 235 1.25 3.05 22.26
N ALA A 236 1.29 4.30 22.71
CA ALA A 236 1.50 5.40 21.78
C ALA A 236 2.99 5.67 21.68
N ARG A 237 3.49 5.80 20.46
CA ARG A 237 4.90 6.07 20.26
C ARG A 237 5.00 7.48 19.68
N VAL A 238 5.66 8.39 20.37
CA VAL A 238 5.76 9.76 19.88
C VAL A 238 7.13 10.17 19.35
N GLY A 239 7.15 11.09 18.40
CA GLY A 239 8.42 11.54 17.83
C GLY A 239 8.65 13.04 17.83
N ASP A 240 8.54 13.68 16.66
CA ASP A 240 8.73 15.12 16.53
C ASP A 240 8.37 15.78 17.84
N HIS A 241 7.27 15.39 18.48
CA HIS A 241 6.81 16.08 19.69
C HIS A 241 5.89 17.22 19.36
N ALA A 242 5.55 17.26 18.09
CA ALA A 242 4.57 18.18 17.64
C ALA A 242 3.62 17.27 16.92
N ASP A 243 4.22 16.16 16.46
CA ASP A 243 3.51 15.10 15.77
C ASP A 243 3.09 14.16 16.88
N LYS A 244 2.16 14.59 17.72
CA LYS A 244 1.73 13.74 18.83
C LYS A 244 0.22 13.61 18.94
N HIS A 245 -0.49 14.41 18.15
CA HIS A 245 -1.95 14.37 18.12
C HIS A 245 -2.29 13.24 17.15
N ILE A 246 -1.29 12.86 16.37
CA ILE A 246 -1.37 11.77 15.40
C ILE A 246 -0.22 10.85 15.73
N HIS A 247 -0.27 10.23 16.90
CA HIS A 247 0.80 9.34 17.34
C HIS A 247 0.67 7.93 16.79
N ASP A 248 1.82 7.29 16.61
CA ASP A 248 1.89 5.94 16.10
C ASP A 248 1.19 5.05 17.13
N LEU A 249 0.69 3.91 16.67
CA LEU A 249 0.05 2.96 17.56
C LEU A 249 0.85 1.69 17.53
N ALA A 250 1.58 1.46 18.61
CA ALA A 250 2.44 0.29 18.70
C ALA A 250 1.81 -0.85 19.46
N LEU A 251 1.93 -2.04 18.88
CA LEU A 251 1.39 -3.26 19.46
C LEU A 251 2.56 -4.00 20.08
N PHE A 252 2.59 -4.04 21.41
CA PHE A 252 3.66 -4.72 22.13
C PHE A 252 3.12 -5.96 22.77
N ALA A 253 3.92 -7.02 22.78
CA ALA A 253 3.54 -8.30 23.42
C ALA A 253 3.54 -8.09 24.96
N ILE A 254 2.43 -8.25 25.69
CA ILE A 254 2.53 -7.98 27.12
C ILE A 254 2.98 -9.22 27.89
N LYS A 255 3.06 -10.35 27.21
CA LYS A 255 3.52 -11.57 27.83
C LYS A 255 4.18 -12.45 26.77
N ASP A 256 5.02 -13.36 27.22
CA ASP A 256 5.66 -14.28 26.29
C ASP A 256 4.58 -14.99 25.43
N ILE A 257 4.90 -15.25 24.14
CA ILE A 257 3.92 -15.83 23.20
C ILE A 257 4.51 -16.97 22.35
N PRO A 258 4.02 -18.22 22.58
CA PRO A 258 4.51 -19.38 21.81
C PRO A 258 4.31 -19.21 20.38
N LYS A 259 4.98 -19.98 19.55
CA LYS A 259 4.57 -19.83 18.17
C LYS A 259 3.12 -20.27 18.06
N GLY A 260 2.59 -20.17 16.82
CA GLY A 260 1.20 -20.51 16.56
C GLY A 260 0.08 -19.98 17.46
N THR A 261 0.35 -19.07 18.39
CA THR A 261 -0.75 -18.53 19.20
C THR A 261 -1.27 -17.24 18.57
N GLU A 262 -2.58 -17.18 18.41
CA GLU A 262 -3.23 -16.02 17.79
C GLU A 262 -3.08 -14.72 18.58
N LEU A 263 -2.37 -13.76 17.98
CA LEU A 263 -2.18 -12.48 18.61
C LEU A 263 -3.53 -11.88 18.97
N THR A 264 -3.59 -11.26 20.13
CA THR A 264 -4.83 -10.65 20.58
C THR A 264 -4.55 -9.37 21.38
N PHE A 265 -5.58 -8.58 21.63
CA PHE A 265 -5.49 -7.33 22.41
C PHE A 265 -6.89 -6.80 22.68
N ASP A 266 -7.10 -6.13 23.82
CA ASP A 266 -8.44 -5.59 24.12
C ASP A 266 -8.62 -4.29 23.34
N TYR A 267 -9.68 -4.21 22.54
CA TYR A 267 -9.92 -3.03 21.70
C TYR A 267 -10.07 -1.71 22.44
N VAL A 268 -10.21 -1.80 23.76
CA VAL A 268 -10.39 -0.62 24.61
C VAL A 268 -9.45 -0.73 25.81
N ASN A 269 -9.03 -1.97 26.04
CA ASN A 269 -8.17 -2.40 27.12
C ASN A 269 -9.10 -3.15 28.08
N CYS A 290 -18.65 -10.96 21.99
CA CYS A 290 -17.25 -11.39 22.12
C CYS A 290 -17.15 -12.92 22.11
N LEU A 291 -16.21 -13.45 21.33
CA LEU A 291 -16.05 -14.89 21.23
C LEU A 291 -14.71 -15.36 21.81
N CYS A 292 -14.11 -14.49 22.62
CA CYS A 292 -12.83 -14.77 23.25
C CYS A 292 -12.99 -15.82 24.35
N GLY A 293 -12.13 -16.85 24.32
CA GLY A 293 -12.19 -17.88 25.34
C GLY A 293 -12.11 -17.25 26.71
N THR A 294 -11.27 -16.21 26.83
CA THR A 294 -11.05 -15.46 28.07
C THR A 294 -12.15 -15.55 29.12
N ALA A 295 -11.83 -16.24 30.20
CA ALA A 295 -12.72 -16.45 31.33
C ALA A 295 -13.11 -15.09 31.89
N LYS A 296 -12.24 -14.11 31.72
CA LYS A 296 -12.50 -12.78 32.25
C LYS A 296 -13.31 -11.93 31.28
N CYS A 297 -13.80 -12.56 30.21
CA CYS A 297 -14.56 -11.84 29.17
C CYS A 297 -15.52 -10.74 29.62
N ARG A 298 -15.21 -9.51 29.21
CA ARG A 298 -16.01 -8.34 29.57
C ARG A 298 -17.38 -8.26 28.88
N GLY A 299 -17.91 -9.40 28.46
CA GLY A 299 -19.22 -9.40 27.80
C GLY A 299 -19.20 -9.24 26.29
N TYR A 300 -18.85 -8.04 25.82
CA TYR A 300 -18.78 -7.73 24.39
C TYR A 300 -17.48 -6.97 24.06
N LEU A 301 -17.38 -6.37 22.87
CA LEU A 301 -16.20 -5.60 22.52
C LEU A 301 -16.57 -4.13 22.54
N TRP A 302 -15.57 -3.26 22.57
CA TRP A 302 -15.78 -1.81 22.60
C TRP A 302 -16.58 -1.36 23.84
N ALA B 7 -18.34 0.53 16.30
CA ALA B 7 -17.56 1.25 17.30
C ALA B 7 -16.14 1.61 16.79
N ARG B 8 -15.20 1.79 17.71
CA ARG B 8 -13.83 2.12 17.36
C ARG B 8 -12.78 1.72 18.41
N LYS B 9 -11.57 1.43 17.95
CA LYS B 9 -10.49 1.05 18.83
C LYS B 9 -9.97 2.27 19.56
N SER B 10 -9.64 2.12 20.84
CA SER B 10 -9.15 3.24 21.62
C SER B 10 -7.98 2.93 22.56
N THR B 11 -7.57 3.96 23.28
CA THR B 11 -6.47 3.88 24.24
C THR B 11 -6.68 4.95 25.29
N GLY B 12 -7.09 4.56 26.50
CA GLY B 12 -7.32 5.55 27.54
C GLY B 12 -6.61 5.30 28.85
N GLY B 13 -7.21 4.45 29.68
CA GLY B 13 -6.63 4.13 30.98
C GLY B 13 -7.68 3.66 31.96
N LEU C 10 -13.57 1.12 -9.98
CA LEU C 10 -13.04 1.38 -8.60
C LEU C 10 -12.90 0.09 -7.78
N PRO C 11 -13.95 -0.73 -7.71
CA PRO C 11 -13.82 -1.96 -6.92
C PRO C 11 -13.56 -3.18 -7.77
N ILE C 12 -12.80 -4.11 -7.22
CA ILE C 12 -12.52 -5.35 -7.91
C ILE C 12 -13.52 -6.33 -7.35
N SER C 13 -14.11 -7.14 -8.21
CA SER C 13 -15.06 -8.15 -7.75
C SER C 13 -14.72 -9.43 -8.48
N ILE C 14 -14.80 -10.55 -7.78
CA ILE C 14 -14.51 -11.82 -8.41
C ILE C 14 -15.80 -12.61 -8.55
N VAL C 15 -15.98 -13.28 -9.68
CA VAL C 15 -17.16 -14.09 -9.88
C VAL C 15 -16.75 -15.33 -10.64
N ASN C 16 -17.27 -16.46 -10.20
CA ASN C 16 -16.95 -17.74 -10.82
C ASN C 16 -18.24 -18.57 -10.88
N ARG C 17 -18.91 -18.59 -12.02
CA ARG C 17 -20.14 -19.36 -12.11
C ARG C 17 -19.98 -20.66 -12.91
N GLU C 18 -18.74 -21.12 -13.06
CA GLU C 18 -18.45 -22.31 -13.84
C GLU C 18 -17.55 -23.40 -13.22
N ASP C 19 -16.78 -23.02 -12.22
CA ASP C 19 -15.75 -23.87 -11.64
C ASP C 19 -15.71 -23.87 -10.13
N ASP C 20 -14.79 -24.65 -9.59
CA ASP C 20 -14.62 -24.77 -8.15
C ASP C 20 -13.37 -24.01 -7.77
N ALA C 21 -12.78 -23.33 -8.76
CA ALA C 21 -11.56 -22.56 -8.55
C ALA C 21 -11.79 -21.21 -7.89
N PHE C 22 -10.75 -20.74 -7.22
CA PHE C 22 -10.77 -19.46 -6.53
C PHE C 22 -9.37 -18.87 -6.64
N LEU C 23 -9.23 -17.60 -6.31
CA LEU C 23 -7.91 -16.99 -6.39
C LEU C 23 -7.02 -17.67 -5.34
N ASN C 24 -5.78 -17.96 -5.69
CA ASN C 24 -4.88 -18.57 -4.74
C ASN C 24 -4.75 -17.60 -3.58
N PRO C 25 -4.94 -18.09 -2.36
CA PRO C 25 -4.83 -17.22 -1.20
C PRO C 25 -3.46 -16.55 -1.08
N ASN C 26 -2.45 -17.11 -1.73
CA ASN C 26 -1.10 -16.57 -1.67
C ASN C 26 -0.82 -15.36 -2.56
N PHE C 27 -1.77 -15.02 -3.44
CA PHE C 27 -1.63 -13.90 -4.37
C PHE C 27 -2.14 -12.61 -3.77
N ARG C 28 -1.43 -11.50 -4.01
CA ARG C 28 -1.87 -10.23 -3.44
C ARG C 28 -2.01 -9.08 -4.41
N PHE C 29 -3.17 -8.44 -4.35
CA PHE C 29 -3.48 -7.29 -5.18
C PHE C 29 -2.71 -6.07 -4.64
N ILE C 30 -2.04 -5.35 -5.55
CA ILE C 30 -1.24 -4.16 -5.20
C ILE C 30 -1.63 -2.94 -6.03
N ASP C 31 -1.57 -1.76 -5.43
CA ASP C 31 -1.94 -0.55 -6.14
C ASP C 31 -0.79 0.05 -6.97
N HIS C 32 0.46 -0.19 -6.57
CA HIS C 32 1.62 0.32 -7.30
C HIS C 32 2.69 -0.76 -7.44
N SER C 33 3.40 -0.76 -8.56
CA SER C 33 4.44 -1.77 -8.77
C SER C 33 5.52 -1.69 -7.71
N ILE C 34 6.28 -2.76 -7.58
CA ILE C 34 7.34 -2.85 -6.58
C ILE C 34 8.67 -3.23 -7.23
N ILE C 35 9.71 -2.41 -6.99
CA ILE C 35 11.05 -2.64 -7.52
C ILE C 35 11.71 -3.82 -6.83
N GLY C 36 12.64 -4.49 -7.50
CA GLY C 36 13.28 -5.64 -6.89
C GLY C 36 14.79 -5.65 -6.71
CA LYS C 37 16.73 -5.07 -5.33
CA ASN C 38 19.38 -4.81 -8.07
CA VAL C 39 17.22 -2.55 -10.28
CA PRO C 40 18.12 1.20 -10.90
CA VAL C 41 16.24 3.61 -8.64
CA ALA C 42 16.26 7.31 -9.65
CA ASP C 43 18.77 10.14 -9.04
CA GLN C 44 16.21 12.58 -7.48
CA SER C 45 18.66 15.41 -8.19
CA PHE C 46 17.54 14.70 -11.73
CA ARG C 47 13.74 14.65 -11.34
CA VAL C 48 12.88 17.70 -13.46
CA GLY C 49 9.23 18.65 -13.40
CA CYS C 50 7.48 21.33 -15.40
CA SER C 51 6.69 24.56 -13.57
CA CYS C 52 3.24 25.20 -15.06
CA ALA C 53 0.84 27.76 -13.61
CA SER C 54 -2.56 27.79 -11.97
CA ASP C 55 -4.55 24.57 -12.18
CA GLU C 56 -2.84 23.34 -15.38
CA GLU C 57 -3.56 24.08 -19.03
CA CYS C 58 -0.54 21.88 -19.57
CA MET C 59 -1.92 20.84 -22.96
CA TYR C 60 0.21 23.65 -24.39
CA SER C 61 3.84 22.86 -25.44
CA THR C 62 4.80 25.44 -22.76
CA CYS C 63 5.34 22.25 -20.74
CA GLN C 64 8.68 20.49 -20.54
CA CYS C 65 6.55 17.31 -20.13
CA LEU C 66 5.32 16.50 -23.68
CA ASP C 67 8.86 17.56 -24.62
CA GLU C 68 10.24 14.51 -26.42
CA MET C 69 6.56 14.35 -27.47
CA ALA C 70 6.68 15.82 -31.01
CA PRO C 71 3.78 17.83 -32.65
N LYS C 84 -2.44 21.88 -29.20
CA LYS C 84 -2.48 20.87 -28.15
C LYS C 84 -1.69 19.64 -28.63
N ARG C 85 -1.10 18.88 -27.71
CA ARG C 85 -0.36 17.70 -28.07
C ARG C 85 -0.13 16.64 -26.92
N PHE C 86 -0.80 16.72 -25.76
CA PHE C 86 -0.47 15.81 -24.67
C PHE C 86 -1.05 14.41 -24.73
N ALA C 87 -1.61 14.04 -25.89
CA ALA C 87 -2.11 12.65 -26.04
C ALA C 87 -3.49 12.31 -25.45
N TYR C 88 -4.16 13.27 -24.83
CA TYR C 88 -5.55 13.09 -24.37
C TYR C 88 -6.45 14.20 -24.97
N TYR C 89 -7.76 14.03 -24.92
CA TYR C 89 -8.66 15.05 -25.45
C TYR C 89 -8.97 16.08 -24.38
N SER C 90 -9.01 17.33 -24.80
CA SER C 90 -9.21 18.46 -23.90
C SER C 90 -10.60 19.00 -23.65
N GLN C 91 -11.57 18.73 -24.51
CA GLN C 91 -12.86 19.32 -24.24
C GLN C 91 -14.10 18.46 -24.36
N GLY C 92 -14.32 17.93 -25.56
CA GLY C 92 -15.51 17.12 -25.81
C GLY C 92 -15.95 16.12 -24.75
N ALA C 93 -17.02 15.38 -25.06
CA ALA C 93 -17.52 14.35 -24.16
C ALA C 93 -16.55 13.19 -24.33
N LYS C 94 -15.44 13.48 -25.02
CA LYS C 94 -14.36 12.55 -25.26
C LYS C 94 -13.16 13.15 -24.56
N LYS C 95 -13.44 13.96 -23.54
CA LYS C 95 -12.39 14.64 -22.81
C LYS C 95 -11.64 13.75 -21.84
N GLY C 96 -10.33 13.80 -21.96
CA GLY C 96 -9.49 13.01 -21.09
C GLY C 96 -9.34 11.64 -21.65
N LEU C 97 -9.56 11.53 -22.96
CA LEU C 97 -9.45 10.24 -23.62
C LEU C 97 -8.25 10.23 -24.53
N LEU C 98 -7.60 9.07 -24.64
CA LEU C 98 -6.44 8.96 -25.51
C LEU C 98 -6.91 9.18 -26.96
N ARG C 99 -6.13 9.95 -27.72
CA ARG C 99 -6.46 10.32 -29.11
C ARG C 99 -6.03 9.37 -30.21
N ASP C 100 -6.95 9.08 -31.13
CA ASP C 100 -6.73 8.18 -32.26
C ASP C 100 -5.40 8.49 -32.91
N ARG C 101 -4.89 9.69 -32.64
CA ARG C 101 -3.60 10.09 -33.14
C ARG C 101 -2.62 9.24 -32.36
N VAL C 102 -2.69 9.31 -31.04
CA VAL C 102 -1.81 8.51 -30.19
C VAL C 102 -2.23 7.04 -30.23
N LEU C 103 -3.54 6.78 -30.35
CA LEU C 103 -4.03 5.41 -30.43
C LEU C 103 -3.36 4.79 -31.62
N GLN C 104 -3.75 5.20 -32.81
CA GLN C 104 -3.18 4.66 -34.05
C GLN C 104 -1.66 4.65 -34.12
N SER C 105 -0.98 5.67 -33.56
CA SER C 105 0.45 5.77 -33.81
C SER C 105 1.31 4.99 -32.84
N GLN C 106 0.76 4.74 -31.69
CA GLN C 106 1.44 4.08 -30.57
C GLN C 106 2.75 4.75 -30.12
N GLU C 107 2.80 6.03 -29.83
CA GLU C 107 3.98 6.70 -29.29
C GLU C 107 3.79 6.78 -27.79
N PRO C 108 4.88 6.65 -27.02
CA PRO C 108 4.78 6.71 -25.56
C PRO C 108 4.02 7.93 -25.07
N ILE C 109 3.24 7.74 -24.02
CA ILE C 109 2.46 8.83 -23.46
C ILE C 109 3.31 9.54 -22.42
N TYR C 110 3.59 10.81 -22.67
CA TYR C 110 4.36 11.57 -21.71
C TYR C 110 3.40 12.26 -20.78
N GLU C 111 3.37 11.79 -19.55
CA GLU C 111 2.47 12.32 -18.54
C GLU C 111 3.21 13.10 -17.46
CA CYS C 112 3.01 14.74 -15.66
CA HIS C 113 4.13 13.55 -12.22
CA GLN C 114 4.51 14.78 -8.65
CA GLY C 115 7.17 17.42 -9.39
N CYS C 116 5.72 18.53 -10.97
CA CYS C 116 5.19 19.62 -11.78
C CYS C 116 4.28 20.50 -10.93
N ALA C 117 4.30 21.81 -11.23
CA ALA C 117 3.51 22.78 -10.49
C ALA C 117 1.99 22.64 -10.54
N CYS C 118 1.46 22.09 -11.63
CA CYS C 118 0.03 21.90 -11.77
C CYS C 118 -0.47 21.01 -10.64
N SER C 119 -1.78 20.94 -10.48
CA SER C 119 -2.40 20.13 -9.44
C SER C 119 -2.53 18.67 -9.89
N LYS C 120 -3.23 17.86 -9.07
CA LYS C 120 -3.44 16.45 -9.38
C LYS C 120 -4.50 16.27 -10.47
N ASP C 121 -5.48 17.16 -10.48
CA ASP C 121 -6.55 17.15 -11.45
C ASP C 121 -6.04 17.73 -12.76
N CYS C 122 -4.75 17.52 -13.01
CA CYS C 122 -4.12 18.01 -14.21
C CYS C 122 -4.52 17.10 -15.37
N PRO C 123 -5.13 17.68 -16.44
CA PRO C 123 -5.59 16.97 -17.65
C PRO C 123 -4.60 15.97 -18.26
N ASN C 124 -3.32 16.13 -17.93
CA ASN C 124 -2.29 15.26 -18.47
C ASN C 124 -1.72 14.38 -17.38
N ARG C 125 -2.59 13.91 -16.49
CA ARG C 125 -2.20 13.03 -15.39
C ARG C 125 -3.21 11.88 -15.22
N VAL C 126 -3.80 11.47 -16.36
CA VAL C 126 -4.79 10.40 -16.38
C VAL C 126 -4.25 9.09 -15.81
N VAL C 127 -3.29 8.49 -16.50
CA VAL C 127 -2.73 7.26 -15.99
C VAL C 127 -2.33 7.43 -14.54
N GLU C 128 -1.80 8.61 -14.21
CA GLU C 128 -1.39 8.86 -12.84
C GLU C 128 -2.49 8.52 -11.86
N ARG C 129 -3.67 9.08 -12.04
CA ARG C 129 -4.79 8.85 -11.12
C ARG C 129 -5.18 7.39 -10.88
N GLY C 130 -4.67 6.49 -11.72
CA GLY C 130 -4.98 5.07 -11.58
C GLY C 130 -6.28 4.65 -12.24
N ARG C 131 -6.67 3.40 -12.03
CA ARG C 131 -7.89 2.87 -12.59
C ARG C 131 -9.10 3.66 -12.08
N THR C 132 -10.02 4.01 -12.97
CA THR C 132 -11.22 4.75 -12.58
C THR C 132 -12.47 3.97 -12.98
N VAL C 133 -12.26 2.77 -13.51
CA VAL C 133 -13.37 1.95 -13.93
C VAL C 133 -13.42 0.70 -13.07
N PRO C 134 -14.63 0.28 -12.66
CA PRO C 134 -14.69 -0.91 -11.83
C PRO C 134 -14.32 -2.11 -12.69
N LEU C 135 -13.96 -3.21 -12.04
CA LEU C 135 -13.59 -4.43 -12.75
C LEU C 135 -14.13 -5.69 -12.05
N GLN C 136 -14.67 -6.59 -12.86
CA GLN C 136 -15.22 -7.82 -12.35
C GLN C 136 -14.47 -8.96 -12.98
N ILE C 137 -13.73 -9.66 -12.13
CA ILE C 137 -12.93 -10.82 -12.49
C ILE C 137 -13.87 -12.00 -12.55
N PHE C 138 -13.92 -12.63 -13.72
CA PHE C 138 -14.81 -13.75 -13.88
C PHE C 138 -14.10 -15.00 -14.40
N ARG C 139 -14.64 -16.15 -14.07
CA ARG C 139 -14.08 -17.40 -14.50
C ARG C 139 -14.60 -17.59 -15.92
N THR C 140 -13.74 -17.65 -16.94
CA THR C 140 -14.24 -17.91 -18.31
C THR C 140 -14.49 -19.40 -18.40
N LYS C 141 -14.52 -19.97 -19.58
CA LYS C 141 -14.72 -21.42 -19.57
C LYS C 141 -13.45 -22.21 -19.93
N ASP C 142 -12.76 -21.83 -21.00
CA ASP C 142 -11.58 -22.57 -21.42
C ASP C 142 -10.41 -21.62 -21.76
N ARG C 143 -10.28 -20.55 -20.96
CA ARG C 143 -9.07 -19.75 -20.80
C ARG C 143 -8.84 -19.35 -19.35
N GLY C 144 -9.59 -19.97 -18.45
CA GLY C 144 -9.43 -19.67 -17.03
C GLY C 144 -10.04 -18.36 -16.62
N TRP C 145 -9.30 -17.62 -15.81
CA TRP C 145 -9.81 -16.35 -15.35
C TRP C 145 -9.66 -15.37 -16.49
N GLY C 146 -10.50 -14.35 -16.49
CA GLY C 146 -10.46 -13.35 -17.53
C GLY C 146 -11.04 -12.10 -16.92
N VAL C 147 -11.03 -10.98 -17.62
CA VAL C 147 -11.55 -9.75 -17.05
C VAL C 147 -12.64 -9.13 -17.90
N LYS C 148 -13.63 -8.57 -17.24
CA LYS C 148 -14.72 -7.88 -17.91
C LYS C 148 -15.07 -6.69 -17.03
N CYS C 149 -15.60 -5.63 -17.65
CA CYS C 149 -15.94 -4.39 -16.96
C CYS C 149 -17.45 -4.16 -16.86
N PRO C 150 -17.96 -3.88 -15.65
CA PRO C 150 -19.38 -3.62 -15.33
C PRO C 150 -19.94 -2.29 -15.82
N VAL C 151 -19.23 -1.66 -16.75
CA VAL C 151 -19.64 -0.37 -17.26
C VAL C 151 -18.94 -0.15 -18.61
N ASN C 152 -19.63 0.51 -19.54
CA ASN C 152 -19.09 0.75 -20.89
C ASN C 152 -17.73 1.46 -20.89
N ILE C 153 -16.93 1.20 -21.93
CA ILE C 153 -15.60 1.78 -22.09
C ILE C 153 -15.36 2.26 -23.53
N LYS C 154 -15.43 3.57 -23.76
CA LYS C 154 -15.23 4.14 -25.08
C LYS C 154 -13.82 3.86 -25.59
N ARG C 155 -13.60 3.99 -26.90
CA ARG C 155 -12.28 3.74 -27.46
C ARG C 155 -11.35 4.88 -27.13
N GLY C 156 -10.14 4.56 -26.69
CA GLY C 156 -9.19 5.59 -26.34
C GLY C 156 -9.12 5.74 -24.85
N GLN C 157 -10.10 5.13 -24.18
CA GLN C 157 -10.21 5.16 -22.74
C GLN C 157 -9.09 4.39 -22.04
N PHE C 158 -8.77 4.79 -20.81
CA PHE C 158 -7.72 4.17 -20.03
C PHE C 158 -8.41 3.21 -19.06
N VAL C 159 -8.10 1.92 -19.16
CA VAL C 159 -8.72 0.94 -18.28
C VAL C 159 -7.98 0.90 -16.96
N ASP C 160 -6.78 0.36 -17.00
CA ASP C 160 -5.94 0.25 -15.82
C ASP C 160 -4.53 0.02 -16.34
N ARG C 161 -3.56 -0.12 -15.46
CA ARG C 161 -2.21 -0.35 -15.91
C ARG C 161 -1.65 -1.67 -15.38
N TYR C 162 -0.71 -2.26 -16.10
CA TYR C 162 -0.15 -3.52 -15.68
C TYR C 162 0.90 -3.38 -14.58
N LEU C 163 0.61 -3.95 -13.41
CA LEU C 163 1.50 -3.87 -12.28
C LEU C 163 2.18 -5.18 -11.96
N GLY C 164 2.88 -5.21 -10.83
CA GLY C 164 3.60 -6.39 -10.41
C GLY C 164 4.87 -5.99 -9.68
N GLU C 165 5.88 -6.84 -9.76
CA GLU C 165 7.18 -6.59 -9.12
C GLU C 165 8.22 -6.37 -10.22
N ILE C 166 8.76 -5.15 -10.32
CA ILE C 166 9.75 -4.84 -11.34
C ILE C 166 11.07 -5.56 -11.09
N ILE C 167 11.59 -6.19 -12.14
CA ILE C 167 12.83 -6.94 -12.00
C ILE C 167 13.74 -6.81 -13.22
N THR C 168 14.87 -7.50 -13.17
CA THR C 168 15.87 -7.49 -14.24
C THR C 168 15.80 -8.76 -15.09
N SER C 169 15.87 -8.60 -16.41
CA SER C 169 15.80 -9.74 -17.33
C SER C 169 16.78 -10.81 -16.89
N GLU C 170 17.59 -10.46 -15.90
CA GLU C 170 18.54 -11.40 -15.36
C GLU C 170 17.66 -12.39 -14.58
N GLU C 171 17.16 -11.94 -13.43
CA GLU C 171 16.31 -12.76 -12.57
C GLU C 171 15.10 -13.33 -13.29
N ALA C 172 14.72 -12.71 -14.40
CA ALA C 172 13.57 -13.18 -15.16
C ALA C 172 13.96 -14.50 -15.81
N ASP C 173 15.05 -14.45 -16.57
CA ASP C 173 15.54 -15.63 -17.24
C ASP C 173 15.54 -16.71 -16.16
N ARG C 174 15.88 -16.32 -14.93
CA ARG C 174 15.93 -17.23 -13.80
C ARG C 174 14.59 -17.92 -13.60
N ARG C 175 13.54 -17.11 -13.46
CA ARG C 175 12.19 -17.63 -13.24
C ARG C 175 11.57 -18.26 -14.47
N ARG C 176 11.73 -17.61 -15.62
CA ARG C 176 11.16 -18.12 -16.87
C ARG C 176 11.41 -19.61 -17.02
N ALA C 177 12.67 -20.03 -16.92
CA ALA C 177 13.04 -21.44 -17.07
C ALA C 177 12.79 -22.28 -15.81
N GLU C 178 13.20 -21.77 -14.65
CA GLU C 178 12.99 -22.48 -13.40
C GLU C 178 11.53 -22.91 -13.34
N SER C 179 10.69 -22.07 -13.93
CA SER C 179 9.26 -22.31 -13.98
C SER C 179 8.88 -23.07 -15.25
N THR C 180 9.05 -22.42 -16.40
CA THR C 180 8.72 -22.99 -17.70
C THR C 180 9.19 -24.43 -17.87
N ILE C 181 10.11 -24.86 -17.02
CA ILE C 181 10.61 -26.22 -17.13
C ILE C 181 9.86 -27.25 -16.32
CA ALA C 182 9.40 -28.17 -14.10
CA ARG C 183 5.92 -26.75 -13.52
N ARG C 184 4.56 -24.73 -13.78
CA ARG C 184 3.58 -23.78 -14.36
C ARG C 184 3.64 -23.42 -15.85
N LYS C 185 2.49 -23.04 -16.40
CA LYS C 185 2.38 -22.62 -17.80
C LYS C 185 1.82 -21.22 -17.82
N ASP C 186 1.25 -20.81 -16.69
CA ASP C 186 0.67 -19.48 -16.56
C ASP C 186 1.76 -18.43 -16.52
N VAL C 187 1.97 -17.73 -17.63
CA VAL C 187 2.98 -16.69 -17.66
C VAL C 187 2.39 -15.36 -17.24
N TYR C 188 3.14 -14.63 -16.42
CA TYR C 188 2.66 -13.34 -15.95
C TYR C 188 3.73 -12.28 -16.05
N LEU C 189 4.69 -12.47 -16.94
CA LEU C 189 5.74 -11.47 -17.04
C LEU C 189 5.59 -10.52 -18.19
N PHE C 190 5.55 -9.23 -17.87
CA PHE C 190 5.43 -8.18 -18.87
C PHE C 190 6.79 -7.54 -18.99
N ALA C 191 7.24 -7.32 -20.22
CA ALA C 191 8.53 -6.73 -20.46
C ALA C 191 8.47 -5.24 -20.71
N LEU C 192 9.19 -4.46 -19.93
CA LEU C 192 9.22 -3.00 -20.12
C LEU C 192 10.23 -2.70 -21.25
N ASP C 193 9.79 -2.88 -22.51
CA ASP C 193 10.67 -2.70 -23.65
C ASP C 193 10.28 -1.67 -24.71
N LYS C 194 9.54 -0.63 -24.34
CA LYS C 194 9.17 0.35 -25.36
C LYS C 194 10.39 1.01 -25.92
N PHE C 195 11.44 1.03 -25.14
CA PHE C 195 12.69 1.63 -25.57
C PHE C 195 13.71 0.51 -25.57
CA SER C 196 14.49 -1.54 -26.66
CA ASP C 197 17.68 0.33 -27.43
CA PRO C 198 21.31 -0.84 -27.01
CA ASP C 199 23.92 1.93 -26.77
CA SER C 200 22.05 5.05 -25.64
CA LEU C 201 23.48 7.05 -22.72
N LEU C 210 14.79 -4.42 -18.31
CA LEU C 210 14.05 -5.02 -17.20
C LEU C 210 12.53 -5.18 -17.43
N GLU C 211 11.90 -6.03 -16.62
CA GLU C 211 10.45 -6.32 -16.74
C GLU C 211 9.66 -6.21 -15.45
N VAL C 212 8.35 -6.44 -15.61
CA VAL C 212 7.38 -6.43 -14.52
C VAL C 212 6.79 -7.84 -14.48
N ASP C 213 6.79 -8.44 -13.29
CA ASP C 213 6.27 -9.80 -13.11
C ASP C 213 5.20 -9.75 -12.02
N GLY C 214 3.99 -10.21 -12.37
CA GLY C 214 2.90 -10.22 -11.42
C GLY C 214 2.28 -11.57 -11.15
N GLU C 215 3.09 -12.61 -10.98
CA GLU C 215 2.55 -13.92 -10.71
C GLU C 215 2.04 -13.98 -9.27
N TYR C 216 2.83 -13.49 -8.32
CA TYR C 216 2.44 -13.52 -6.92
C TYR C 216 1.96 -12.18 -6.38
N MET C 217 1.96 -11.18 -7.25
CA MET C 217 1.50 -9.86 -6.87
C MET C 217 1.19 -9.06 -8.13
N SER C 218 0.14 -8.26 -8.08
CA SER C 218 -0.22 -7.46 -9.23
C SER C 218 -1.60 -6.87 -9.08
N GLY C 219 -2.12 -6.38 -10.20
CA GLY C 219 -3.43 -5.77 -10.25
C GLY C 219 -4.40 -6.60 -11.06
N PRO C 220 -5.65 -6.14 -11.18
CA PRO C 220 -6.65 -6.88 -11.93
C PRO C 220 -6.17 -7.21 -13.32
N THR C 221 -5.52 -6.25 -13.95
CA THR C 221 -5.02 -6.46 -15.30
C THR C 221 -4.15 -7.70 -15.41
N ARG C 222 -3.80 -8.27 -14.26
CA ARG C 222 -2.98 -9.47 -14.26
C ARG C 222 -3.76 -10.64 -14.80
N PHE C 223 -5.08 -10.51 -14.81
CA PHE C 223 -5.95 -11.57 -15.29
C PHE C 223 -6.57 -11.35 -16.67
N ILE C 224 -6.18 -10.30 -17.42
CA ILE C 224 -6.76 -10.08 -18.75
C ILE C 224 -6.23 -11.13 -19.72
N ASN C 225 -7.11 -11.75 -20.49
CA ASN C 225 -6.69 -12.79 -21.42
C ASN C 225 -6.27 -12.26 -22.77
N HIS C 226 -5.35 -12.97 -23.43
CA HIS C 226 -4.87 -12.60 -24.75
C HIS C 226 -5.93 -12.84 -25.83
N SER C 227 -5.85 -12.02 -26.87
CA SER C 227 -6.79 -12.12 -27.98
C SER C 227 -6.00 -11.77 -29.22
N CYS C 228 -6.56 -12.08 -30.39
CA CYS C 228 -5.87 -11.78 -31.63
C CYS C 228 -6.59 -10.65 -32.35
N ASP C 229 -7.71 -10.24 -31.77
CA ASP C 229 -8.50 -9.12 -32.27
C ASP C 229 -8.91 -8.37 -31.00
N PRO C 230 -7.92 -8.00 -30.18
CA PRO C 230 -8.11 -7.29 -28.92
C PRO C 230 -9.01 -6.10 -29.01
N ASN C 231 -9.45 -5.67 -27.85
CA ASN C 231 -10.32 -4.52 -27.70
C ASN C 231 -9.57 -3.60 -26.76
N MET C 232 -8.30 -3.91 -26.55
CA MET C 232 -7.45 -3.13 -25.68
C MET C 232 -6.02 -3.24 -26.17
N ALA C 233 -5.21 -2.26 -25.80
CA ALA C 233 -3.80 -2.25 -26.17
C ALA C 233 -3.03 -1.58 -25.04
N ILE C 234 -1.73 -1.89 -24.97
CA ILE C 234 -0.88 -1.34 -23.93
C ILE C 234 0.09 -0.26 -24.46
N PHE C 235 0.25 0.80 -23.69
CA PHE C 235 1.14 1.90 -24.07
C PHE C 235 2.05 2.22 -22.91
N ALA C 236 3.21 2.80 -23.22
CA ALA C 236 4.15 3.16 -22.17
C ALA C 236 3.85 4.57 -21.71
N ARG C 237 3.80 4.77 -20.41
CA ARG C 237 3.54 6.08 -19.87
C ARG C 237 4.78 6.56 -19.16
N VAL C 238 5.30 7.71 -19.58
CA VAL C 238 6.49 8.27 -18.97
C VAL C 238 6.19 9.48 -18.09
N GLY C 239 6.76 9.47 -16.90
CA GLY C 239 6.58 10.56 -15.98
C GLY C 239 7.85 11.38 -15.98
N ASP C 240 8.60 11.33 -14.88
CA ASP C 240 9.85 12.08 -14.70
C ASP C 240 10.73 12.19 -15.93
N HIS C 241 10.62 11.21 -16.78
CA HIS C 241 11.35 11.29 -18.04
C HIS C 241 12.82 10.90 -17.87
N ALA C 242 13.19 10.52 -16.67
CA ALA C 242 14.50 9.92 -16.42
C ALA C 242 14.04 8.49 -16.18
N ASP C 243 13.22 8.41 -15.13
CA ASP C 243 12.62 7.14 -14.79
C ASP C 243 11.79 6.82 -16.02
N LYS C 244 12.35 5.97 -16.88
CA LYS C 244 11.70 5.59 -18.13
C LYS C 244 12.16 4.22 -18.59
N HIS C 245 13.15 3.66 -17.90
CA HIS C 245 13.66 2.33 -18.21
C HIS C 245 12.71 1.36 -17.51
N ILE C 246 11.97 1.91 -16.55
CA ILE C 246 10.99 1.19 -15.77
C ILE C 246 9.71 1.98 -15.94
N HIS C 247 9.17 2.01 -17.15
CA HIS C 247 7.96 2.76 -17.42
C HIS C 247 6.68 2.00 -17.07
N ASP C 248 5.65 2.77 -16.71
CA ASP C 248 4.35 2.21 -16.36
C ASP C 248 3.81 1.55 -17.62
N LEU C 249 2.93 0.57 -17.43
CA LEU C 249 2.33 -0.12 -18.55
C LEU C 249 0.86 0.16 -18.48
N ALA C 250 0.39 1.00 -19.38
CA ALA C 250 -1.01 1.37 -19.41
C ALA C 250 -1.83 0.59 -20.41
N LEU C 251 -2.98 0.12 -19.97
CA LEU C 251 -3.89 -0.64 -20.81
C LEU C 251 -4.99 0.31 -21.23
N PHE C 252 -5.02 0.67 -22.51
CA PHE C 252 -6.04 1.57 -23.04
C PHE C 252 -6.97 0.82 -23.94
N ALA C 253 -8.25 1.17 -23.88
CA ALA C 253 -9.26 0.53 -24.72
C ALA C 253 -9.09 1.04 -26.15
N ILE C 254 -8.83 0.16 -27.10
CA ILE C 254 -8.62 0.72 -28.45
C ILE C 254 -9.84 0.69 -29.33
N LYS C 255 -10.95 0.41 -28.72
CA LYS C 255 -12.22 0.43 -29.39
C LYS C 255 -13.25 0.52 -28.27
N ASP C 256 -14.45 0.95 -28.63
CA ASP C 256 -15.58 1.10 -27.73
C ASP C 256 -15.99 -0.27 -27.24
N ILE C 257 -16.16 -0.47 -25.95
CA ILE C 257 -16.40 -1.76 -25.32
C ILE C 257 -17.68 -1.77 -24.49
N PRO C 258 -18.73 -2.43 -24.99
CA PRO C 258 -19.99 -2.48 -24.25
C PRO C 258 -19.75 -3.38 -23.06
N LYS C 259 -20.61 -3.25 -22.02
CA LYS C 259 -20.38 -4.03 -20.80
C LYS C 259 -20.30 -5.53 -21.06
N GLY C 260 -20.05 -6.30 -19.97
CA GLY C 260 -19.85 -7.73 -20.09
C GLY C 260 -18.92 -8.31 -21.16
N THR C 261 -18.15 -7.49 -21.88
CA THR C 261 -17.24 -8.08 -22.86
C THR C 261 -15.87 -8.25 -22.25
N GLU C 262 -15.32 -9.46 -22.41
CA GLU C 262 -14.03 -9.78 -21.82
C GLU C 262 -12.85 -8.99 -22.37
N LEU C 263 -12.26 -8.15 -21.52
CA LEU C 263 -11.11 -7.35 -21.91
C LEU C 263 -10.04 -8.25 -22.49
N THR C 264 -9.41 -7.78 -23.56
CA THR C 264 -8.38 -8.57 -24.22
C THR C 264 -7.30 -7.64 -24.79
N PHE C 265 -6.15 -8.22 -25.16
CA PHE C 265 -5.02 -7.50 -25.74
C PHE C 265 -3.99 -8.49 -26.28
N ASP C 266 -3.26 -8.15 -27.34
CA ASP C 266 -2.26 -9.09 -27.88
C ASP C 266 -1.00 -8.98 -27.03
N TYR C 267 -0.55 -10.11 -26.49
CA TYR C 267 0.63 -10.09 -25.58
C TYR C 267 1.93 -9.49 -26.18
N VAL C 268 2.02 -9.48 -27.48
CA VAL C 268 3.18 -8.89 -28.12
C VAL C 268 2.71 -7.61 -28.89
N ASN C 269 1.48 -7.61 -29.48
CA ASN C 269 0.96 -6.46 -30.28
C ASN C 269 1.40 -6.64 -31.73
N GLY C 270 2.51 -7.33 -31.88
CA GLY C 270 3.02 -7.63 -33.22
C GLY C 270 4.16 -8.65 -33.25
N THR C 288 1.03 -23.75 -25.74
CA THR C 288 0.11 -22.63 -25.55
C THR C 288 -0.49 -22.16 -26.89
N LYS C 289 -1.48 -22.93 -27.34
CA LYS C 289 -2.20 -22.53 -28.52
C LYS C 289 -3.20 -21.42 -28.10
N CYS C 290 -4.10 -21.03 -28.99
CA CYS C 290 -4.99 -19.94 -28.65
C CYS C 290 -6.46 -20.32 -28.75
N LEU C 291 -7.26 -19.86 -27.80
CA LEU C 291 -8.68 -20.18 -27.79
C LEU C 291 -9.54 -18.94 -28.04
N CYS C 292 -8.92 -17.88 -28.57
CA CYS C 292 -9.60 -16.63 -28.87
C CYS C 292 -10.54 -16.80 -30.07
N GLY C 293 -11.78 -16.36 -29.90
CA GLY C 293 -12.73 -16.48 -31.00
C GLY C 293 -12.15 -15.84 -32.24
N THR C 294 -11.44 -14.72 -32.05
CA THR C 294 -10.81 -13.95 -33.13
C THR C 294 -10.56 -14.69 -34.42
N ALA C 295 -11.33 -14.31 -35.44
CA ALA C 295 -11.24 -14.89 -36.78
C ALA C 295 -9.84 -14.69 -37.33
N LYS C 296 -9.19 -13.62 -36.87
CA LYS C 296 -7.85 -13.31 -37.30
C LYS C 296 -6.79 -14.06 -36.50
N CYS C 297 -7.22 -15.00 -35.66
CA CYS C 297 -6.30 -15.76 -34.78
C CYS C 297 -4.93 -16.18 -35.34
N ARG C 298 -3.86 -15.62 -34.78
CA ARG C 298 -2.50 -15.90 -35.24
C ARG C 298 -1.99 -17.29 -34.90
N GLY C 299 -2.92 -18.25 -34.75
CA GLY C 299 -2.51 -19.60 -34.45
C GLY C 299 -2.34 -19.95 -32.97
N TYR C 300 -1.30 -19.40 -32.34
CA TYR C 300 -1.03 -19.63 -30.92
C TYR C 300 -0.71 -18.29 -30.20
N LEU C 301 -0.18 -18.36 -28.99
CA LEU C 301 0.18 -17.13 -28.28
C LEU C 301 1.70 -17.02 -28.28
N TRP C 302 2.19 -15.82 -27.98
CA TRP C 302 3.64 -15.56 -27.93
C TRP C 302 4.32 -15.80 -29.29
N ALA D 7 7.02 -18.24 -22.70
CA ALA D 7 7.31 -16.96 -23.33
C ALA D 7 7.16 -15.77 -22.37
N ARG D 8 6.88 -14.58 -22.91
CA ARG D 8 6.71 -13.37 -22.10
C ARG D 8 5.85 -12.27 -22.75
N LYS D 9 5.18 -11.49 -21.91
CA LYS D 9 4.34 -10.41 -22.39
C LYS D 9 5.23 -9.25 -22.82
N SER D 10 4.85 -8.59 -23.92
CA SER D 10 5.65 -7.48 -24.43
C SER D 10 4.86 -6.29 -24.91
N THR D 11 5.61 -5.29 -25.40
CA THR D 11 5.04 -4.05 -25.91
C THR D 11 6.01 -3.48 -26.94
ZN ZN E . 16.14 12.01 19.45
ZN ZN F . 18.26 8.81 19.42
ZN ZN G . 19.20 11.53 21.82
ZN ZN H . -14.18 -11.39 25.60
N SAH I . -11.06 -10.66 12.12
CA SAH I . -11.37 -9.48 11.34
CB SAH I . -10.47 -8.34 11.79
CG SAH I . -10.90 -7.72 13.10
SD SAH I . -11.24 -5.93 13.06
C SAH I . -11.23 -9.68 9.82
O SAH I . -11.15 -8.64 9.03
OXT SAH I . -11.30 -10.89 9.34
C5' SAH I . -12.76 -5.72 13.97
C4' SAH I . -13.91 -6.67 13.71
O4' SAH I . -13.45 -8.04 13.87
C3' SAH I . -15.07 -6.53 14.68
O3' SAH I . -15.98 -5.52 14.27
C2' SAH I . -15.69 -7.92 14.64
O2' SAH I . -16.50 -8.12 13.50
C1' SAH I . -14.44 -8.81 14.55
N9 SAH I . -13.91 -9.17 15.87
C8 SAH I . -12.60 -9.08 16.29
N7 SAH I . -12.42 -9.47 17.53
C5 SAH I . -13.69 -9.84 17.96
C6 SAH I . -14.17 -10.34 19.17
N6 SAH I . -13.40 -10.56 20.25
N1 SAH I . -15.48 -10.62 19.26
C2 SAH I . -16.25 -10.41 18.19
N3 SAH I . -15.92 -9.94 16.99
C4 SAH I . -14.61 -9.67 16.94
ZN ZN J . 4.81 17.98 -15.92
ZN ZN K . 1.38 18.73 -15.80
ZN ZN L . 2.92 21.06 -17.71
ZN ZN M . -6.01 -16.05 -31.16
N SAH N . -6.67 -16.83 -17.33
CA SAH N . -5.42 -16.90 -16.60
CB SAH N . -4.76 -15.54 -16.67
CG SAH N . -4.09 -15.27 -17.98
SD SAH N . -2.33 -14.86 -17.85
C SAH N . -5.59 -17.31 -15.14
O SAH N . -4.64 -17.07 -14.28
OXT SAH N . -6.67 -17.98 -14.83
C5' SAH N . -1.58 -15.82 -19.20
C4' SAH N . -1.97 -17.27 -19.40
O4' SAH N . -3.41 -17.34 -19.53
C3' SAH N . -1.43 -17.91 -20.66
O3' SAH N . -0.13 -18.46 -20.48
C2' SAH N . -2.46 -18.99 -20.94
O2' SAH N . -2.28 -20.14 -20.14
C1' SAH N . -3.76 -18.28 -20.54
N9 SAH N . -4.37 -17.54 -21.65
C8 SAH N . -4.81 -16.24 -21.64
N7 SAH N . -5.30 -15.84 -22.79
C5 SAH N . -5.17 -16.96 -23.61
C6 SAH N . -5.50 -17.19 -24.96
N6 SAH N . -6.03 -16.27 -25.77
N1 SAH N . -5.24 -18.41 -25.47
C2 SAH N . -4.71 -19.33 -24.67
N3 SAH N . -4.34 -19.25 -23.39
C4 SAH N . -4.62 -18.01 -22.92
#